data_9QBH
#
_entry.id   9QBH
#
_cell.length_a   1.00
_cell.length_b   1.00
_cell.length_c   1.00
_cell.angle_alpha   90.00
_cell.angle_beta   90.00
_cell.angle_gamma   90.00
#
_symmetry.space_group_name_H-M   'P 1'
#
_entity_poly.entity_id   1
_entity_poly.type   'polypeptide(L)'
_entity_poly.pdbx_seq_one_letter_code
;MKFLVNVALVFMVVYISYIYADYKDDDDKHHHHHHHHHHLEVLFQGPYPYDVPDYATQVCTGTDMKLRLPASPETHLDML
RHLYQGCQVVQGNLELTYLPTNASLSFLQDIQEVQGYVLIAHNQVRQVPLQRLRIVRGTQLFEDNYALAVLDNGDPLNNT
TPVTGASPGGLRELQLRSLTEILKGGVLIQRNPQLCYQDTILWKDIFHKNNQLALTLIDTNRSRACHPCSPMCKGSRCWG
ESSEDCQSLTRTVCAGGCARCKGPLPTDCCHEQCAAGCTGPKHSDCLACLHFNHSGICELHCPALVTYNTDTFESMPNPE
GRYTFGASCVTACPYNYLSTDVGSCTLVCPLHNQEVTAEDGTQRCEKCSKPCARVCYGLGMEHLREVRAVTSANIQEFAG
CKKIFGSLAFLPESFDGDPASNTAPLQPEQLQVFETLEEITGYLYISAWPDSLPDLSVFQNLQVIRGRILHNGAYSLTLQ
GLGISWLGLRSLRELGSGLALIHHNTHLCFVHTVPWDQLFRNPHQALLHTANRPEDECVGEGLACHQLCARGHCWGPGPT
QCVNCSQFLRGQECVEECRVLQGLPREYVNARHCLPCHPECQPQNGSVTCFGPEADQCVACAHYKDPPFCVARCPSGVKP
DLSYMPIWKFPDEEGACQPCPINCTHSCVDLDDKGCPAEQRASPLTSIISAVVGILLVVVLGVVFGILIKRRQQKIRKYT
MRRLLQETELVEPLTPSGAMPNQAQMRILKETELRKVKVLGSGAFGTVYKGIWIPDGENVKIPVAIKVLRENTSPKANKE
ILDEAYVMAGVGSPYVSRLLGISLTSTVQLVTQLMPYGSLLDHVRENRGRLGSQDLLNWCMQIAKGMSYLEDVRLVHRDL
AARNVLVKSPNHVKITDFGLARLLDIDETEYHADGGKVPIKWMALESILRRRFTHQSDVWSYGVTVWELMTFGAKPYDGI
PAREIPDLLEKGERLPQPPICTIDVYMIMVKCWMIDSESRPRFRELVSEFSRMARDPQRFVVIQNEDLGPASPLDSTFYR
SLLEDDDMGDLVDAEEYLVPQQGLEVLFQGPGSMSKGEELFTGVVPILVELDGDVNGHKFSVRGEGEGDATNGKLTLKFI
CTTGKLPVPWPTLVTTLTYGVQCFSRYPDHMKRHDFFKSAMPEGYVQERTISFKDDGTYKTRAEVKFEGDTLVNRIELKG
IDFKEDGNILGHKLEYNFNSHNVYITADKQKNGIKANFKIRHNVEDGSVQLADHYQQNTPIGDGPVLLPDNHYLSTQSVL
SKDPNEKRDHMVLLEFVTAAGITHGMDELYK
;
_entity_poly.pdbx_strand_id   A
#
# COMPACT_ATOMS: atom_id res chain seq x y z
N GLN A 58 -4.24 -8.63 9.35
CA GLN A 58 -2.90 -8.52 9.99
C GLN A 58 -1.70 -8.18 9.03
N VAL A 59 -1.89 -8.32 7.69
CA VAL A 59 -0.91 -7.96 6.66
C VAL A 59 -1.59 -6.93 5.77
N CYS A 60 -0.89 -5.84 5.46
CA CYS A 60 -1.37 -4.70 4.69
C CYS A 60 -0.21 -4.14 3.89
N THR A 61 -0.47 -3.16 3.05
CA THR A 61 0.62 -2.59 2.31
C THR A 61 0.73 -1.18 2.77
N GLY A 62 1.84 -0.58 2.46
CA GLY A 62 1.98 0.82 2.74
C GLY A 62 1.58 1.57 1.49
N THR A 63 2.08 2.81 1.39
CA THR A 63 1.74 3.73 0.31
C THR A 63 3.00 4.24 -0.39
N ASP A 64 2.82 5.08 -1.40
CA ASP A 64 3.93 5.63 -2.19
C ASP A 64 3.77 7.14 -2.41
N MET A 65 3.40 7.86 -1.37
CA MET A 65 3.24 9.31 -1.45
C MET A 65 4.58 10.02 -1.38
N LYS A 66 5.56 9.37 -0.75
CA LYS A 66 6.88 9.92 -0.53
C LYS A 66 6.77 11.25 0.20
N LEU A 67 7.21 12.32 -0.44
CA LEU A 67 7.19 13.62 0.19
C LEU A 67 6.08 14.49 -0.40
N ARG A 68 5.16 13.88 -1.13
CA ARG A 68 4.06 14.60 -1.73
C ARG A 68 2.92 14.78 -0.75
N LEU A 69 2.26 15.92 -0.83
CA LEU A 69 1.15 16.20 0.05
C LEU A 69 -0.01 15.26 -0.28
N PRO A 70 -0.80 14.76 0.70
CA PRO A 70 -1.96 13.94 0.49
C PRO A 70 -2.99 14.65 -0.34
N ALA A 71 -3.76 13.91 -1.13
CA ALA A 71 -4.82 14.52 -1.91
C ALA A 71 -5.83 15.20 -1.00
N SER A 72 -6.07 14.60 0.16
CA SER A 72 -7.00 15.14 1.13
C SER A 72 -6.41 15.04 2.52
N PRO A 73 -5.55 15.98 2.93
CA PRO A 73 -4.85 15.97 4.20
C PRO A 73 -5.80 15.79 5.35
N GLU A 74 -7.01 16.32 5.20
CA GLU A 74 -8.03 16.26 6.24
C GLU A 74 -8.44 14.85 6.64
N THR A 75 -8.36 13.89 5.73
CA THR A 75 -8.77 12.54 6.06
C THR A 75 -7.58 11.61 6.13
N HIS A 76 -6.39 12.15 6.03
CA HIS A 76 -5.19 11.36 5.96
C HIS A 76 -4.97 10.52 7.21
N LEU A 77 -5.25 11.08 8.39
CA LEU A 77 -5.01 10.30 9.58
C LEU A 77 -5.99 9.16 9.73
N ASP A 78 -7.19 9.30 9.20
CA ASP A 78 -8.13 8.22 9.32
C ASP A 78 -7.75 7.21 8.28
N MET A 79 -7.21 7.66 7.17
CA MET A 79 -6.75 6.71 6.19
C MET A 79 -5.76 5.78 6.82
N LEU A 80 -4.81 6.35 7.55
CA LEU A 80 -3.78 5.55 8.16
C LEU A 80 -4.38 4.65 9.21
N ARG A 81 -5.34 5.16 9.97
CA ARG A 81 -5.99 4.37 10.98
C ARG A 81 -6.69 3.17 10.39
N HIS A 82 -7.41 3.38 9.29
CA HIS A 82 -8.14 2.30 8.64
C HIS A 82 -7.18 1.31 8.03
N LEU A 83 -6.10 1.78 7.45
CA LEU A 83 -5.13 0.91 6.85
C LEU A 83 -4.31 0.09 7.84
N TYR A 84 -3.79 0.74 8.86
CA TYR A 84 -2.87 0.06 9.73
C TYR A 84 -3.36 -0.50 11.04
N GLN A 85 -4.49 -0.07 11.59
CA GLN A 85 -4.83 -0.64 12.88
C GLN A 85 -4.87 -2.15 12.76
N GLY A 86 -4.12 -2.86 13.61
CA GLY A 86 -4.11 -4.32 13.55
C GLY A 86 -3.13 -4.97 12.54
N CYS A 87 -2.36 -4.17 11.77
CA CYS A 87 -1.41 -4.61 10.75
C CYS A 87 -0.03 -4.78 11.37
N GLN A 88 0.48 -5.99 11.28
CA GLN A 88 1.78 -6.32 11.82
C GLN A 88 2.82 -6.20 10.74
N VAL A 89 2.44 -6.58 9.53
CA VAL A 89 3.41 -6.55 8.46
C VAL A 89 2.96 -5.71 7.30
N VAL A 90 3.81 -4.76 6.98
CA VAL A 90 3.56 -3.84 5.91
C VAL A 90 4.33 -4.24 4.67
N GLN A 91 3.62 -4.44 3.59
CA GLN A 91 4.24 -4.79 2.33
C GLN A 91 4.58 -3.48 1.67
N GLY A 92 5.59 -3.46 0.85
CA GLY A 92 5.97 -2.21 0.25
C GLY A 92 6.63 -1.35 1.32
N ASN A 93 6.72 -0.05 1.06
CA ASN A 93 7.40 0.89 1.94
C ASN A 93 6.41 1.39 2.97
N LEU A 94 6.89 1.79 4.13
CA LEU A 94 6.04 2.37 5.15
C LEU A 94 6.27 3.85 5.23
N GLU A 95 5.25 4.63 4.92
CA GLU A 95 5.45 6.05 4.89
C GLU A 95 4.46 6.82 5.73
N LEU A 96 5.01 7.69 6.56
CA LEU A 96 4.27 8.60 7.41
C LEU A 96 4.72 9.99 7.05
N THR A 97 3.91 10.70 6.29
CA THR A 97 4.34 12.00 5.85
C THR A 97 3.23 13.05 6.05
N TYR A 98 3.62 14.26 6.42
CA TYR A 98 2.71 15.40 6.61
C TYR A 98 1.65 15.18 7.67
N LEU A 99 2.04 14.62 8.78
CA LEU A 99 1.12 14.38 9.84
C LEU A 99 1.24 15.54 10.84
N PRO A 100 0.13 16.01 11.42
CA PRO A 100 0.05 17.08 12.39
C PRO A 100 0.59 16.71 13.75
N THR A 101 0.94 17.74 14.49
CA THR A 101 1.47 17.66 15.83
C THR A 101 0.63 16.80 16.75
N ASN A 102 -0.68 16.92 16.63
CA ASN A 102 -1.58 16.23 17.53
C ASN A 102 -2.13 14.93 16.97
N ALA A 103 -1.53 14.42 15.90
CA ALA A 103 -1.98 13.18 15.32
C ALA A 103 -1.85 12.04 16.32
N SER A 104 -2.86 11.18 16.36
CA SER A 104 -2.76 9.99 17.20
C SER A 104 -2.46 8.84 16.29
N LEU A 105 -1.29 8.27 16.45
CA LEU A 105 -0.84 7.21 15.59
C LEU A 105 -0.73 5.87 16.28
N SER A 106 -1.48 5.68 17.34
CA SER A 106 -1.35 4.47 18.16
C SER A 106 -1.68 3.20 17.40
N PHE A 107 -2.35 3.32 16.28
CA PHE A 107 -2.70 2.18 15.46
C PHE A 107 -1.48 1.58 14.77
N LEU A 108 -0.36 2.27 14.82
CA LEU A 108 0.87 1.80 14.21
C LEU A 108 1.67 0.96 15.18
N GLN A 109 1.20 0.83 16.42
CA GLN A 109 1.93 0.12 17.47
C GLN A 109 2.04 -1.36 17.19
N ASP A 110 1.27 -1.83 16.23
CA ASP A 110 1.22 -3.22 15.86
C ASP A 110 2.31 -3.59 14.87
N ILE A 111 2.91 -2.61 14.19
CA ILE A 111 3.83 -2.98 13.12
C ILE A 111 5.15 -3.53 13.59
N GLN A 112 5.49 -4.69 13.05
CA GLN A 112 6.70 -5.44 13.36
C GLN A 112 7.69 -5.41 12.21
N GLU A 113 7.16 -5.46 10.99
CA GLU A 113 8.04 -5.53 9.84
C GLU A 113 7.56 -4.65 8.71
N VAL A 114 8.53 -4.13 7.95
CA VAL A 114 8.28 -3.40 6.72
C VAL A 114 9.08 -4.02 5.58
N GLN A 115 8.40 -4.39 4.51
CA GLN A 115 9.04 -4.98 3.36
C GLN A 115 9.97 -4.03 2.62
N GLY A 116 9.56 -2.80 2.49
CA GLY A 116 10.32 -1.78 1.80
C GLY A 116 11.03 -0.90 2.80
N TYR A 117 11.19 0.38 2.44
CA TYR A 117 11.86 1.39 3.26
C TYR A 117 10.89 2.03 4.22
N VAL A 118 11.42 2.62 5.27
CA VAL A 118 10.59 3.35 6.21
C VAL A 118 10.88 4.85 6.15
N LEU A 119 9.85 5.63 5.86
CA LEU A 119 10.01 7.08 5.73
C LEU A 119 9.16 7.90 6.65
N ILE A 120 9.81 8.74 7.43
CA ILE A 120 9.08 9.62 8.31
C ILE A 120 9.37 11.03 7.80
N ALA A 121 8.38 11.77 7.32
CA ALA A 121 8.79 13.08 6.83
C ALA A 121 7.73 14.16 6.93
N HIS A 122 8.18 15.38 7.07
CA HIS A 122 7.32 16.55 7.13
C HIS A 122 6.28 16.46 8.21
N ASN A 123 6.54 15.71 9.25
CA ASN A 123 5.57 15.54 10.29
C ASN A 123 5.87 16.49 11.40
N GLN A 124 4.84 16.91 12.08
CA GLN A 124 5.05 17.72 13.26
C GLN A 124 4.85 16.87 14.48
N VAL A 125 4.67 15.60 14.22
CA VAL A 125 4.41 14.62 15.24
C VAL A 125 5.63 14.47 16.13
N ARG A 126 5.42 14.60 17.43
CA ARG A 126 6.53 14.52 18.37
C ARG A 126 7.00 13.10 18.62
N GLN A 127 6.08 12.15 18.52
CA GLN A 127 6.41 10.77 18.75
C GLN A 127 5.70 9.90 17.75
N VAL A 128 6.41 8.93 17.20
CA VAL A 128 5.82 7.97 16.31
C VAL A 128 5.96 6.57 16.89
N PRO A 129 4.86 5.89 17.24
CA PRO A 129 4.83 4.63 17.92
C PRO A 129 5.14 3.41 17.07
N LEU A 130 6.37 3.36 16.61
CA LEU A 130 6.89 2.25 15.82
C LEU A 130 7.98 1.55 16.60
N GLN A 131 7.89 1.58 17.92
CA GLN A 131 8.91 0.99 18.75
C GLN A 131 8.96 -0.51 18.61
N ARG A 132 7.89 -1.10 18.09
CA ARG A 132 7.78 -2.53 17.86
C ARG A 132 8.49 -2.96 16.59
N LEU A 133 8.84 -2.02 15.73
CA LEU A 133 9.44 -2.42 14.47
C LEU A 133 10.73 -3.14 14.71
N ARG A 134 10.87 -4.30 14.07
CA ARG A 134 12.07 -5.09 14.22
C ARG A 134 12.94 -5.10 12.98
N ILE A 135 12.30 -5.21 11.82
CA ILE A 135 13.12 -5.25 10.61
C ILE A 135 12.60 -4.46 9.45
N VAL A 136 13.55 -3.83 8.78
CA VAL A 136 13.28 -3.15 7.54
C VAL A 136 13.93 -4.01 6.49
N ARG A 137 13.12 -4.54 5.60
CA ARG A 137 13.63 -5.43 4.60
C ARG A 137 14.24 -4.63 3.45
N GLY A 138 13.76 -3.42 3.20
CA GLY A 138 14.43 -2.61 2.17
C GLY A 138 14.25 -3.03 0.72
N THR A 139 13.11 -3.59 0.31
CA THR A 139 13.01 -3.99 -1.10
C THR A 139 13.17 -2.80 -2.03
N GLN A 140 12.76 -1.64 -1.58
CA GLN A 140 12.94 -0.43 -2.32
C GLN A 140 13.59 0.50 -1.35
N LEU A 141 14.46 1.37 -1.83
CA LEU A 141 15.09 2.32 -0.93
C LEU A 141 14.65 3.73 -1.23
N PHE A 142 14.65 4.55 -0.19
CA PHE A 142 14.25 5.92 -0.33
C PHE A 142 15.36 6.61 -1.06
N GLU A 143 15.01 7.28 -2.15
CA GLU A 143 15.99 7.93 -3.00
C GLU A 143 17.01 6.91 -3.46
N ASP A 144 16.58 5.64 -3.60
CA ASP A 144 17.38 4.51 -4.05
C ASP A 144 18.55 4.18 -3.13
N ASN A 145 18.62 4.80 -1.97
CA ASN A 145 19.72 4.57 -1.05
C ASN A 145 19.39 4.33 0.39
N TYR A 146 18.25 4.79 0.88
CA TYR A 146 18.04 4.68 2.29
C TYR A 146 16.95 3.73 2.68
N ALA A 147 17.29 2.83 3.58
CA ALA A 147 16.34 1.89 4.09
C ALA A 147 15.40 2.62 4.99
N LEU A 148 15.96 3.58 5.69
CA LEU A 148 15.19 4.35 6.62
C LEU A 148 15.55 5.80 6.50
N ALA A 149 14.55 6.66 6.49
CA ALA A 149 14.85 8.06 6.43
C ALA A 149 13.86 8.88 7.22
N VAL A 150 14.39 9.92 7.84
CA VAL A 150 13.62 10.85 8.63
C VAL A 150 13.89 12.26 8.11
N LEU A 151 12.90 12.95 7.58
CA LEU A 151 13.19 14.28 7.04
C LEU A 151 12.20 15.36 7.39
N ASP A 152 12.70 16.52 7.74
CA ASP A 152 11.86 17.70 7.93
C ASP A 152 10.74 17.50 8.92
N ASN A 153 10.96 16.71 9.94
CA ASN A 153 9.91 16.46 10.88
C ASN A 153 9.89 17.46 11.99
N GLY A 154 9.47 18.66 11.66
CA GLY A 154 9.37 19.71 12.66
C GLY A 154 9.15 21.10 12.15
N ASP A 155 8.92 22.00 13.11
CA ASP A 155 8.69 23.39 12.80
C ASP A 155 10.04 24.06 12.45
N PRO A 156 10.09 25.18 11.63
CA PRO A 156 11.29 25.96 11.31
C PRO A 156 12.12 26.33 12.55
N ALA A 166 4.72 28.26 24.00
CA ALA A 166 4.29 26.91 23.72
C ALA A 166 5.41 26.15 23.01
N SER A 167 5.46 24.82 23.22
CA SER A 167 6.44 23.90 22.62
C SER A 167 6.27 23.79 21.11
N PRO A 168 7.36 23.70 20.33
CA PRO A 168 7.39 23.54 18.89
C PRO A 168 6.97 22.16 18.54
N GLY A 169 6.50 21.97 17.33
CA GLY A 169 6.20 20.63 16.85
C GLY A 169 7.47 20.02 16.31
N GLY A 170 7.39 18.74 16.00
CA GLY A 170 8.50 17.97 15.46
C GLY A 170 8.94 16.80 16.30
N LEU A 171 9.47 15.82 15.61
CA LEU A 171 9.86 14.54 16.18
C LEU A 171 10.97 14.68 17.18
N ARG A 172 10.82 14.07 18.35
CA ARG A 172 11.85 14.16 19.35
C ARG A 172 12.69 12.90 19.51
N GLU A 173 12.05 11.75 19.41
CA GLU A 173 12.72 10.47 19.63
C GLU A 173 12.28 9.51 18.58
N LEU A 174 13.09 8.51 18.27
CA LEU A 174 12.66 7.53 17.29
C LEU A 174 12.04 6.36 18.01
N GLN A 175 12.58 6.08 19.18
CA GLN A 175 12.17 5.01 20.06
C GLN A 175 12.09 3.64 19.37
N LEU A 176 13.00 3.33 18.47
CA LEU A 176 12.93 2.05 17.78
C LEU A 176 13.69 1.01 18.51
N ARG A 177 13.24 0.77 19.71
CA ARG A 177 13.91 -0.14 20.60
C ARG A 177 13.91 -1.57 20.11
N SER A 178 12.92 -1.94 19.32
CA SER A 178 12.91 -3.29 18.81
C SER A 178 13.62 -3.39 17.48
N LEU A 179 14.09 -2.28 16.92
CA LEU A 179 14.71 -2.39 15.63
C LEU A 179 16.05 -3.00 15.76
N THR A 180 16.24 -4.10 15.09
CA THR A 180 17.49 -4.77 15.14
C THR A 180 18.16 -4.89 13.80
N GLU A 181 17.42 -4.76 12.70
CA GLU A 181 18.09 -4.94 11.42
C GLU A 181 17.54 -4.22 10.21
N ILE A 182 18.50 -3.80 9.38
CA ILE A 182 18.27 -3.28 8.05
C ILE A 182 18.86 -4.25 7.06
N LEU A 183 18.00 -4.87 6.27
CA LEU A 183 18.49 -5.91 5.38
C LEU A 183 19.38 -5.34 4.28
N LYS A 184 18.95 -4.24 3.71
CA LYS A 184 19.72 -3.57 2.70
C LYS A 184 19.37 -2.10 2.74
N GLY A 185 20.35 -1.22 2.47
CA GLY A 185 20.11 0.21 2.39
C GLY A 185 20.69 0.97 3.58
N GLY A 186 20.83 2.28 3.45
CA GLY A 186 21.41 3.10 4.50
C GLY A 186 20.39 3.88 5.30
N VAL A 187 20.87 4.85 6.09
CA VAL A 187 20.01 5.71 6.90
C VAL A 187 20.23 7.20 6.63
N LEU A 188 19.12 7.90 6.40
CA LEU A 188 19.14 9.33 6.15
C LEU A 188 18.32 10.13 7.11
N ILE A 189 18.94 10.96 7.91
CA ILE A 189 18.18 11.77 8.84
C ILE A 189 18.53 13.22 8.63
N GLN A 190 17.56 14.03 8.19
CA GLN A 190 17.84 15.42 7.89
C GLN A 190 16.85 16.45 8.37
N ARG A 191 17.36 17.61 8.78
CA ARG A 191 16.50 18.73 9.09
C ARG A 191 15.39 18.38 10.06
N ASN A 192 15.77 17.77 11.17
CA ASN A 192 14.80 17.37 12.18
C ASN A 192 15.31 17.99 13.47
N PRO A 193 15.10 19.30 13.69
CA PRO A 193 15.72 20.12 14.71
C PRO A 193 15.39 19.74 16.14
N GLN A 194 14.33 18.97 16.31
CA GLN A 194 13.89 18.55 17.62
C GLN A 194 14.31 17.13 17.95
N LEU A 195 14.92 16.45 16.99
CA LEU A 195 15.23 15.04 17.14
C LEU A 195 16.58 14.79 17.77
N CYS A 196 16.63 13.90 18.81
CA CYS A 196 17.84 13.48 19.52
C CYS A 196 18.16 11.99 19.35
N TYR A 197 19.45 11.72 19.59
CA TYR A 197 20.10 10.42 19.67
C TYR A 197 20.28 9.67 18.37
N GLN A 198 20.00 10.33 17.26
CA GLN A 198 20.18 9.77 15.93
C GLN A 198 21.65 9.52 15.65
N ASP A 199 22.48 10.19 16.42
CA ASP A 199 23.90 10.12 16.38
C ASP A 199 24.53 9.22 17.44
N THR A 200 23.71 8.45 18.16
CA THR A 200 24.30 7.57 19.16
C THR A 200 24.20 6.14 18.71
N ILE A 201 23.31 5.88 17.80
CA ILE A 201 23.10 4.52 17.37
C ILE A 201 24.25 3.98 16.59
N LEU A 202 24.67 2.80 16.97
CA LEU A 202 25.77 2.20 16.28
C LEU A 202 25.20 1.52 15.08
N TRP A 203 24.96 2.33 14.07
CA TRP A 203 24.24 1.91 12.89
C TRP A 203 24.88 0.74 12.20
N LYS A 204 26.19 0.60 12.29
CA LYS A 204 26.83 -0.53 11.62
C LYS A 204 26.39 -1.87 12.22
N ASP A 205 25.86 -1.85 13.44
CA ASP A 205 25.38 -3.06 14.10
C ASP A 205 24.02 -3.45 13.54
N ILE A 206 23.32 -2.49 12.97
CA ILE A 206 21.97 -2.70 12.51
C ILE A 206 22.03 -3.12 11.06
N PHE A 207 22.90 -2.49 10.32
CA PHE A 207 22.97 -2.83 8.93
C PHE A 207 23.37 -4.30 8.81
N HIS A 208 22.68 -5.03 7.96
CA HIS A 208 22.97 -6.44 7.74
C HIS A 208 24.41 -6.64 7.36
N LYS A 209 24.95 -7.79 7.67
CA LYS A 209 26.34 -8.08 7.33
C LYS A 209 26.69 -7.72 5.90
N ASN A 210 25.80 -8.00 4.96
CA ASN A 210 26.09 -7.74 3.56
C ASN A 210 25.56 -6.40 3.13
N ASN A 211 25.03 -5.64 4.07
CA ASN A 211 24.50 -4.34 3.79
C ASN A 211 25.61 -3.35 3.93
N GLN A 212 26.40 -3.29 2.89
CA GLN A 212 27.56 -2.47 2.92
C GLN A 212 27.29 -1.04 2.52
N LEU A 213 26.04 -0.74 2.15
CA LEU A 213 25.65 0.62 1.84
C LEU A 213 25.25 1.23 3.17
N ALA A 214 26.20 1.24 4.07
CA ALA A 214 26.03 1.65 5.43
C ALA A 214 26.15 3.13 5.53
N LEU A 215 25.21 3.79 4.93
CA LEU A 215 25.24 5.22 4.89
C LEU A 215 24.68 5.75 6.16
N THR A 216 25.29 6.77 6.70
CA THR A 216 24.78 7.39 7.89
C THR A 216 24.76 8.87 7.69
N LEU A 217 23.79 9.33 6.93
CA LEU A 217 23.69 10.72 6.61
C LEU A 217 22.89 11.33 7.69
N ILE A 218 23.52 11.49 8.83
CA ILE A 218 22.80 11.93 9.99
C ILE A 218 23.08 13.38 10.30
N ASP A 219 22.03 14.15 10.27
CA ASP A 219 22.01 15.58 10.55
C ASP A 219 21.84 15.76 12.04
N THR A 220 22.89 16.29 12.66
CA THR A 220 22.96 16.47 14.08
C THR A 220 22.75 17.90 14.49
N ASN A 221 22.30 18.72 13.55
CA ASN A 221 22.05 20.11 13.87
C ASN A 221 20.70 20.19 14.52
N ARG A 222 20.70 20.41 15.81
CA ARG A 222 19.49 20.38 16.59
C ARG A 222 19.30 21.67 17.32
N SER A 223 18.06 22.12 17.41
CA SER A 223 17.78 23.29 18.18
C SER A 223 17.50 22.86 19.60
N ARG A 224 17.03 21.63 19.75
CA ARG A 224 16.73 21.11 21.06
C ARG A 224 17.96 20.44 21.65
N ALA A 225 18.27 20.76 22.91
CA ALA A 225 19.37 20.12 23.61
C ALA A 225 18.97 18.69 23.94
N CYS A 226 19.92 17.73 23.88
CA CYS A 226 19.66 16.32 24.19
C CYS A 226 20.15 15.94 25.57
N HIS A 227 19.27 15.32 26.32
CA HIS A 227 19.63 14.78 27.61
C HIS A 227 20.48 13.55 27.30
N PRO A 228 21.54 13.24 28.03
CA PRO A 228 22.29 12.01 27.83
C PRO A 228 21.37 10.79 27.95
N CYS A 229 21.71 9.67 27.24
CA CYS A 229 20.96 8.42 27.27
C CYS A 229 20.97 7.84 28.69
N SER A 230 19.85 7.25 29.12
CA SER A 230 19.79 6.63 30.42
C SER A 230 21.09 5.97 30.82
N PRO A 231 21.51 6.09 32.09
CA PRO A 231 22.74 5.57 32.66
C PRO A 231 22.78 4.06 32.62
N MET A 232 21.63 3.45 32.36
CA MET A 232 21.58 2.01 32.28
C MET A 232 21.92 1.46 30.88
N CYS A 233 22.19 2.35 29.89
CA CYS A 233 22.49 2.01 28.51
C CYS A 233 24.00 1.89 28.30
N LYS A 234 24.43 0.70 27.94
CA LYS A 234 25.85 0.51 27.79
C LYS A 234 26.27 1.04 26.44
N GLY A 235 27.20 1.98 26.48
CA GLY A 235 27.68 2.61 25.29
C GLY A 235 26.83 3.81 24.91
N SER A 236 25.78 4.07 25.71
CA SER A 236 24.88 5.18 25.46
C SER A 236 24.36 5.20 24.04
N ARG A 237 23.99 4.04 23.52
CA ARG A 237 23.45 3.92 22.19
C ARG A 237 21.95 3.85 22.36
N CYS A 238 21.15 4.90 22.02
CA CYS A 238 19.70 4.86 22.32
C CYS A 238 18.85 5.55 21.26
N TRP A 239 17.56 5.24 21.31
CA TRP A 239 16.58 5.80 20.43
C TRP A 239 15.76 6.89 21.10
N GLY A 240 16.08 7.12 22.36
CA GLY A 240 15.35 8.03 23.21
C GLY A 240 15.98 7.99 24.58
N GLU A 241 15.52 8.81 25.50
CA GLU A 241 16.14 8.85 26.82
C GLU A 241 16.01 7.58 27.66
N SER A 242 14.89 6.88 27.53
CA SER A 242 14.59 5.74 28.37
C SER A 242 15.57 4.59 28.27
N SER A 243 15.70 3.84 29.35
CA SER A 243 16.59 2.68 29.39
C SER A 243 16.14 1.66 28.36
N GLU A 244 14.83 1.59 28.18
CA GLU A 244 14.18 0.71 27.25
C GLU A 244 14.47 1.09 25.81
N ASP A 245 14.94 2.31 25.57
CA ASP A 245 15.29 2.75 24.25
C ASP A 245 16.77 2.51 23.90
N CYS A 246 17.56 1.82 24.77
CA CYS A 246 18.96 1.51 24.52
C CYS A 246 19.03 0.42 23.46
N GLN A 247 19.89 0.62 22.49
CA GLN A 247 20.04 -0.32 21.42
C GLN A 247 21.02 -1.41 21.78
N SER A 248 20.53 -2.64 21.80
CA SER A 248 21.38 -3.76 22.11
C SER A 248 22.28 -3.97 20.93
N LEU A 249 23.53 -4.34 21.19
CA LEU A 249 24.43 -4.62 20.10
C LEU A 249 24.47 -6.12 19.95
N THR A 250 24.07 -6.58 18.77
CA THR A 250 23.96 -8.01 18.50
C THR A 250 24.63 -8.53 17.22
N ARG A 251 25.40 -7.68 16.52
CA ARG A 251 26.05 -8.09 15.28
C ARG A 251 27.56 -8.00 15.32
N THR A 252 28.07 -6.89 15.84
CA THR A 252 29.50 -6.63 15.78
C THR A 252 30.21 -7.11 17.03
N VAL A 253 29.45 -7.69 17.91
CA VAL A 253 29.91 -8.18 19.19
C VAL A 253 29.83 -9.70 19.42
N CYS A 254 29.66 -10.50 18.33
CA CYS A 254 29.41 -11.93 18.42
C CYS A 254 30.68 -12.77 18.35
N ALA A 255 30.86 -13.54 19.40
CA ALA A 255 31.97 -14.44 19.49
C ALA A 255 31.73 -15.52 18.49
N GLY A 256 32.79 -15.97 17.86
CA GLY A 256 32.67 -17.03 16.89
C GLY A 256 32.55 -16.44 15.48
N GLY A 257 32.32 -15.12 15.39
CA GLY A 257 32.21 -14.48 14.09
C GLY A 257 30.90 -14.69 13.33
N CYS A 258 29.78 -15.01 14.03
CA CYS A 258 28.47 -15.25 13.42
C CYS A 258 27.78 -13.92 13.14
N ALA A 259 26.90 -13.89 12.14
CA ALA A 259 26.26 -12.63 11.81
C ALA A 259 25.43 -12.06 12.94
N ARG A 260 24.71 -12.90 13.67
CA ARG A 260 23.88 -12.42 14.76
C ARG A 260 23.95 -13.36 15.96
N CYS A 261 23.81 -12.79 17.18
CA CYS A 261 23.84 -13.49 18.45
C CYS A 261 23.02 -12.80 19.52
N LYS A 262 22.80 -13.51 20.60
CA LYS A 262 22.10 -13.02 21.76
C LYS A 262 23.04 -12.55 22.84
N GLY A 263 24.34 -12.68 22.61
CA GLY A 263 25.28 -12.36 23.64
C GLY A 263 26.72 -12.64 23.22
N PRO A 264 27.68 -12.49 24.14
CA PRO A 264 29.10 -12.61 23.93
C PRO A 264 29.63 -14.02 23.70
N LEU A 265 28.81 -15.05 23.90
CA LEU A 265 29.33 -16.39 23.74
C LEU A 265 29.03 -16.89 22.34
N PRO A 266 29.81 -17.81 21.77
CA PRO A 266 29.51 -18.43 20.48
C PRO A 266 28.24 -19.26 20.59
N THR A 267 27.89 -19.61 21.81
CA THR A 267 26.74 -20.41 22.11
C THR A 267 25.50 -19.56 22.04
N ASP A 268 25.70 -18.25 21.95
CA ASP A 268 24.61 -17.30 21.83
C ASP A 268 24.25 -16.99 20.35
N CYS A 269 24.96 -17.59 19.36
CA CYS A 269 24.75 -17.36 17.92
C CYS A 269 23.42 -17.87 17.40
N CYS A 270 22.82 -17.02 16.59
CA CYS A 270 21.54 -17.25 15.96
C CYS A 270 21.71 -18.18 14.77
N HIS A 271 20.67 -18.93 14.48
CA HIS A 271 20.73 -19.79 13.30
C HIS A 271 21.11 -18.96 12.08
N GLU A 272 21.95 -19.51 11.21
CA GLU A 272 22.46 -18.77 10.06
C GLU A 272 21.40 -18.30 9.08
N GLN A 273 20.23 -18.89 9.13
CA GLN A 273 19.12 -18.50 8.27
C GLN A 273 18.17 -17.43 8.90
N CYS A 274 18.53 -16.95 10.12
CA CYS A 274 17.82 -15.99 10.94
C CYS A 274 18.25 -14.55 10.66
N ALA A 275 17.30 -13.63 10.75
CA ALA A 275 17.53 -12.21 10.61
C ALA A 275 16.90 -11.42 11.76
N ALA A 276 17.45 -10.26 12.07
CA ALA A 276 16.89 -9.37 13.09
C ALA A 276 16.83 -9.96 14.50
N GLY A 277 17.67 -10.95 14.80
CA GLY A 277 17.76 -11.52 16.14
C GLY A 277 16.99 -12.82 16.33
N CYS A 278 17.24 -13.49 17.47
CA CYS A 278 16.75 -14.83 17.78
C CYS A 278 16.49 -15.11 19.24
N THR A 279 15.97 -16.29 19.45
CA THR A 279 15.69 -16.89 20.73
C THR A 279 16.74 -17.97 20.96
N GLY A 280 17.37 -18.40 19.86
CA GLY A 280 18.38 -19.44 19.89
C GLY A 280 18.96 -19.83 18.50
N PRO A 281 19.82 -20.87 18.49
CA PRO A 281 20.55 -21.42 17.35
C PRO A 281 19.75 -22.23 16.32
N LYS A 282 18.50 -22.61 16.60
CA LYS A 282 17.74 -23.43 15.67
C LYS A 282 17.02 -22.57 14.64
N HIS A 283 16.58 -23.18 13.55
CA HIS A 283 15.85 -22.47 12.49
C HIS A 283 14.43 -22.19 12.92
N SER A 284 14.08 -22.79 14.05
CA SER A 284 12.81 -22.67 14.71
C SER A 284 12.89 -21.68 15.89
N ASP A 285 14.08 -21.10 16.09
CA ASP A 285 14.39 -20.15 17.17
C ASP A 285 14.64 -18.69 16.75
N CYS A 286 14.05 -18.20 15.66
CA CYS A 286 14.36 -16.86 15.13
C CYS A 286 13.23 -15.86 15.35
N LEU A 287 13.59 -14.59 15.47
CA LEU A 287 12.56 -13.59 15.57
C LEU A 287 11.99 -13.22 14.19
N ALA A 288 12.84 -13.14 13.18
CA ALA A 288 12.38 -12.82 11.81
C ALA A 288 13.28 -13.56 10.84
N CYS A 289 12.75 -14.16 9.77
CA CYS A 289 13.55 -14.97 8.85
C CYS A 289 14.29 -14.14 7.83
N LEU A 290 15.47 -14.64 7.48
CA LEU A 290 16.30 -14.02 6.47
C LEU A 290 15.61 -14.08 5.13
N HIS A 291 14.98 -15.21 4.84
CA HIS A 291 14.26 -15.38 3.60
C HIS A 291 12.81 -15.66 3.90
N PHE A 292 12.45 -16.92 4.19
CA PHE A 292 11.05 -17.19 4.45
C PHE A 292 10.72 -17.84 5.76
N ASN A 293 9.61 -17.37 6.30
CA ASN A 293 8.98 -17.90 7.50
C ASN A 293 7.88 -18.91 7.24
N HIS A 294 8.20 -20.17 7.46
CA HIS A 294 7.22 -21.20 7.24
C HIS A 294 6.73 -21.67 8.58
N SER A 295 5.59 -21.17 9.00
CA SER A 295 5.06 -21.54 10.30
C SER A 295 6.08 -21.40 11.41
N GLY A 296 6.84 -20.31 11.40
CA GLY A 296 7.85 -20.03 12.39
C GLY A 296 9.22 -20.60 12.04
N ILE A 297 9.31 -21.37 10.98
CA ILE A 297 10.56 -21.98 10.61
C ILE A 297 11.26 -21.23 9.49
N CYS A 298 12.54 -20.85 9.69
CA CYS A 298 13.31 -20.09 8.72
C CYS A 298 14.07 -20.98 7.77
N GLU A 299 13.82 -20.71 6.50
CA GLU A 299 14.43 -21.41 5.38
C GLU A 299 14.70 -20.43 4.26
N LEU A 300 15.63 -20.79 3.40
CA LEU A 300 16.05 -20.03 2.23
C LEU A 300 14.94 -19.81 1.25
N HIS A 301 14.04 -20.75 1.20
CA HIS A 301 12.95 -20.73 0.29
C HIS A 301 11.84 -21.56 0.88
N CYS A 302 10.61 -21.36 0.40
CA CYS A 302 9.47 -22.18 0.75
C CYS A 302 9.60 -23.55 0.08
N PRO A 303 9.13 -24.62 0.72
CA PRO A 303 9.20 -25.95 0.20
C PRO A 303 8.45 -25.99 -1.10
N ALA A 304 8.98 -26.76 -2.03
CA ALA A 304 8.40 -26.84 -3.35
C ALA A 304 6.99 -27.34 -3.32
N LEU A 305 6.18 -26.75 -4.19
CA LEU A 305 4.79 -27.16 -4.33
C LEU A 305 4.72 -28.56 -4.91
N VAL A 306 5.66 -28.91 -5.79
CA VAL A 306 5.73 -30.22 -6.40
C VAL A 306 7.16 -30.73 -6.33
N THR A 307 7.34 -31.98 -5.89
CA THR A 307 8.67 -32.53 -5.88
C THR A 307 8.78 -33.58 -6.97
N TYR A 308 10.00 -34.02 -7.30
CA TYR A 308 10.12 -34.98 -8.38
C TYR A 308 10.94 -36.21 -8.19
N ASN A 309 10.47 -37.26 -8.84
CA ASN A 309 11.16 -38.52 -8.95
C ASN A 309 11.97 -38.46 -10.20
N THR A 310 13.25 -38.17 -10.08
CA THR A 310 14.10 -37.84 -11.22
C THR A 310 14.51 -38.99 -12.11
N ASP A 311 14.11 -40.20 -11.79
CA ASP A 311 14.45 -41.25 -12.71
C ASP A 311 13.40 -41.26 -13.81
N THR A 312 12.20 -40.83 -13.44
CA THR A 312 11.07 -40.83 -14.33
C THR A 312 10.47 -39.42 -14.46
N PHE A 313 10.94 -38.52 -13.60
CA PHE A 313 10.46 -37.15 -13.43
C PHE A 313 9.00 -37.05 -13.13
N GLU A 314 8.57 -37.89 -12.22
CA GLU A 314 7.19 -37.88 -11.81
C GLU A 314 6.92 -36.76 -10.85
N SER A 315 5.81 -36.08 -11.09
CA SER A 315 5.33 -34.96 -10.29
C SER A 315 4.61 -35.40 -9.06
N MET A 316 5.06 -34.89 -7.93
CA MET A 316 4.48 -35.23 -6.67
C MET A 316 4.10 -33.98 -5.88
N PRO A 317 2.87 -33.50 -5.98
CA PRO A 317 2.43 -32.33 -5.28
C PRO A 317 2.76 -32.60 -3.83
N ASN A 318 3.34 -31.61 -3.23
CA ASN A 318 3.84 -31.63 -1.88
C ASN A 318 2.85 -31.08 -0.89
N PRO A 319 2.27 -31.88 0.01
CA PRO A 319 1.29 -31.39 0.97
C PRO A 319 1.89 -30.32 1.89
N GLU A 320 3.23 -30.32 1.97
CA GLU A 320 3.96 -29.39 2.78
C GLU A 320 4.53 -28.28 1.94
N GLY A 321 4.18 -28.25 0.67
CA GLY A 321 4.70 -27.25 -0.24
C GLY A 321 3.99 -25.97 0.04
N ARG A 322 4.65 -24.85 -0.18
CA ARG A 322 4.05 -23.58 0.09
C ARG A 322 4.44 -22.52 -0.91
N TYR A 323 3.64 -21.48 -1.01
CA TYR A 323 3.91 -20.37 -1.86
C TYR A 323 4.76 -19.35 -1.18
N THR A 324 5.57 -18.66 -1.96
CA THR A 324 6.35 -17.58 -1.38
C THR A 324 5.61 -16.29 -1.57
N PHE A 325 5.32 -15.67 -0.45
CA PHE A 325 4.63 -14.41 -0.41
C PHE A 325 5.26 -13.53 0.62
N GLY A 326 5.55 -12.27 0.30
CA GLY A 326 6.15 -11.48 1.33
C GLY A 326 7.44 -12.18 1.72
N ALA A 327 7.59 -12.47 3.01
CA ALA A 327 8.77 -13.15 3.55
C ALA A 327 8.29 -14.35 4.36
N SER A 328 7.17 -14.92 3.93
CA SER A 328 6.56 -16.06 4.59
C SER A 328 6.01 -17.06 3.58
N CYS A 329 5.74 -18.28 4.07
CA CYS A 329 5.22 -19.39 3.27
C CYS A 329 3.73 -19.54 3.50
N VAL A 330 2.97 -19.59 2.40
CA VAL A 330 1.53 -19.69 2.54
C VAL A 330 0.98 -20.88 1.77
N THR A 331 -0.21 -21.33 2.15
CA THR A 331 -0.81 -22.45 1.45
C THR A 331 -1.50 -22.03 0.19
N ALA A 332 -1.87 -20.77 0.14
CA ALA A 332 -2.52 -20.21 -1.01
C ALA A 332 -2.20 -18.74 -1.05
N CYS A 333 -2.22 -18.15 -2.25
CA CYS A 333 -2.01 -16.73 -2.46
C CYS A 333 -3.16 -15.90 -1.91
N PRO A 334 -2.88 -14.77 -1.24
CA PRO A 334 -3.83 -13.84 -0.68
C PRO A 334 -4.72 -13.30 -1.77
N TYR A 335 -5.88 -12.84 -1.40
CA TYR A 335 -6.80 -12.30 -2.36
C TYR A 335 -6.13 -11.23 -3.21
N ASN A 336 -6.38 -11.34 -4.51
CA ASN A 336 -5.86 -10.56 -5.64
C ASN A 336 -4.46 -10.94 -6.07
N TYR A 337 -3.85 -11.92 -5.41
CA TYR A 337 -2.54 -12.39 -5.82
C TYR A 337 -2.66 -13.58 -6.71
N LEU A 338 -1.69 -13.72 -7.55
CA LEU A 338 -1.67 -14.75 -8.52
C LEU A 338 -0.71 -15.81 -8.16
N SER A 339 -1.14 -17.03 -8.33
CA SER A 339 -0.30 -18.18 -8.14
C SER A 339 0.55 -18.42 -9.36
N THR A 340 1.85 -18.29 -9.22
CA THR A 340 2.72 -18.46 -10.35
C THR A 340 3.17 -19.90 -10.44
N ASP A 341 3.73 -20.29 -11.58
CA ASP A 341 4.26 -21.64 -11.81
C ASP A 341 5.46 -21.90 -10.93
N VAL A 342 6.11 -20.81 -10.63
CA VAL A 342 7.23 -20.71 -9.73
C VAL A 342 6.85 -21.12 -8.34
N GLY A 343 5.62 -20.82 -7.93
CA GLY A 343 5.22 -21.07 -6.58
C GLY A 343 5.29 -19.79 -5.81
N SER A 344 5.39 -18.69 -6.52
CA SER A 344 5.41 -17.40 -5.89
C SER A 344 4.04 -16.77 -6.04
N CYS A 345 3.73 -15.75 -5.20
CA CYS A 345 2.49 -14.96 -5.28
C CYS A 345 2.81 -13.57 -5.80
N THR A 346 2.21 -13.24 -6.94
CA THR A 346 2.45 -11.96 -7.58
C THR A 346 1.22 -11.20 -7.88
N LEU A 347 1.43 -10.00 -8.35
CA LEU A 347 0.35 -9.17 -8.79
C LEU A 347 0.41 -9.05 -10.29
N VAL A 348 1.63 -9.18 -10.78
CA VAL A 348 1.95 -9.04 -12.19
C VAL A 348 2.69 -10.30 -12.65
N CYS A 349 2.24 -10.88 -13.79
CA CYS A 349 2.85 -12.08 -14.36
C CYS A 349 4.15 -11.76 -15.10
N PRO A 350 5.10 -12.70 -15.10
CA PRO A 350 6.31 -12.66 -15.86
C PRO A 350 6.00 -12.64 -17.33
N LEU A 351 6.95 -12.17 -18.11
CA LEU A 351 6.73 -12.13 -19.53
C LEU A 351 6.46 -13.54 -20.03
N HIS A 352 5.50 -13.60 -20.94
CA HIS A 352 4.98 -14.80 -21.59
C HIS A 352 4.09 -15.62 -20.69
N ASN A 353 3.68 -15.01 -19.59
CA ASN A 353 2.67 -15.57 -18.72
C ASN A 353 1.50 -14.62 -18.71
N GLN A 354 0.34 -15.17 -18.44
CA GLN A 354 -0.86 -14.37 -18.41
C GLN A 354 -1.67 -14.64 -17.18
N GLU A 355 -2.44 -13.65 -16.78
CA GLU A 355 -3.32 -13.87 -15.66
C GLU A 355 -4.50 -14.66 -16.10
N VAL A 356 -4.74 -15.73 -15.37
CA VAL A 356 -5.85 -16.59 -15.62
C VAL A 356 -6.67 -16.65 -14.37
N THR A 357 -7.97 -16.46 -14.51
CA THR A 357 -8.85 -16.51 -13.37
C THR A 357 -9.54 -17.85 -13.36
N ALA A 358 -9.47 -18.50 -12.22
CA ALA A 358 -10.05 -19.78 -11.96
C ALA A 358 -11.52 -19.64 -11.70
N GLU A 359 -12.22 -20.75 -11.81
CA GLU A 359 -13.63 -20.80 -11.54
C GLU A 359 -13.95 -20.48 -10.07
N ASP A 360 -12.95 -20.58 -9.19
CA ASP A 360 -13.16 -20.28 -7.78
C ASP A 360 -12.84 -18.82 -7.47
N GLY A 361 -12.55 -18.02 -8.50
CA GLY A 361 -12.28 -16.61 -8.36
C GLY A 361 -10.81 -16.23 -8.14
N THR A 362 -9.94 -17.22 -7.93
CA THR A 362 -8.53 -16.90 -7.69
C THR A 362 -7.77 -16.78 -8.99
N GLN A 363 -6.58 -16.22 -8.92
CA GLN A 363 -5.77 -16.04 -10.12
C GLN A 363 -4.46 -16.79 -10.10
N ARG A 364 -3.96 -17.05 -11.29
CA ARG A 364 -2.69 -17.69 -11.48
C ARG A 364 -2.00 -17.18 -12.73
N CYS A 365 -0.64 -17.32 -12.79
CA CYS A 365 0.15 -16.96 -13.97
C CYS A 365 0.44 -18.23 -14.74
N GLU A 366 -0.03 -18.24 -15.95
CA GLU A 366 0.11 -19.39 -16.80
C GLU A 366 0.71 -19.00 -18.12
N LYS A 367 1.35 -19.94 -18.77
CA LYS A 367 1.94 -19.64 -20.05
C LYS A 367 0.89 -19.15 -21.05
N CYS A 368 1.28 -18.16 -21.88
CA CYS A 368 0.47 -17.63 -22.98
C CYS A 368 1.23 -17.78 -24.29
N PRO A 371 0.27 -17.27 -29.47
CA PRO A 371 0.26 -17.83 -28.12
C PRO A 371 -0.31 -16.80 -27.11
N CYS A 372 0.27 -15.58 -27.07
CA CYS A 372 -0.14 -14.51 -26.17
C CYS A 372 -1.09 -13.58 -26.90
N ALA A 373 -2.20 -13.29 -26.23
CA ALA A 373 -3.23 -12.41 -26.72
C ALA A 373 -2.79 -10.98 -26.63
N ARG A 374 -3.36 -10.12 -27.44
CA ARG A 374 -3.06 -8.72 -27.22
C ARG A 374 -3.74 -8.36 -25.93
N VAL A 375 -3.01 -7.69 -25.09
CA VAL A 375 -3.53 -7.27 -23.81
C VAL A 375 -3.68 -5.77 -23.76
N CYS A 376 -4.82 -5.31 -23.24
CA CYS A 376 -5.15 -3.91 -23.01
C CYS A 376 -4.39 -3.44 -21.77
N TYR A 377 -3.68 -2.34 -21.88
CA TYR A 377 -2.95 -1.86 -20.72
C TYR A 377 -3.36 -0.49 -20.31
N GLY A 378 -3.25 -0.24 -19.03
CA GLY A 378 -3.54 1.05 -18.47
C GLY A 378 -2.26 1.74 -18.06
N LEU A 379 -2.43 2.80 -17.32
CA LEU A 379 -1.37 3.65 -16.90
C LEU A 379 -0.52 2.88 -15.95
N GLY A 380 0.78 3.11 -16.02
CA GLY A 380 1.68 2.41 -15.13
C GLY A 380 2.19 1.13 -15.76
N MET A 381 1.63 0.73 -16.89
CA MET A 381 2.06 -0.50 -17.52
C MET A 381 2.61 -0.32 -18.90
N GLU A 382 3.61 -1.12 -19.18
CA GLU A 382 4.21 -1.18 -20.50
C GLU A 382 4.62 0.19 -20.99
N HIS A 383 4.12 0.61 -22.14
CA HIS A 383 4.50 1.87 -22.71
C HIS A 383 3.80 3.02 -22.02
N LEU A 384 2.89 2.70 -21.14
CA LEU A 384 2.16 3.68 -20.39
C LEU A 384 2.76 3.87 -19.02
N ARG A 385 3.91 3.26 -18.74
CA ARG A 385 4.52 3.44 -17.42
C ARG A 385 4.79 4.90 -17.08
N GLU A 386 5.15 5.68 -18.08
CA GLU A 386 5.45 7.09 -17.93
C GLU A 386 4.25 8.03 -18.08
N VAL A 387 3.07 7.49 -18.35
CA VAL A 387 1.92 8.34 -18.60
C VAL A 387 1.12 8.52 -17.33
N ARG A 388 0.81 9.77 -17.00
CA ARG A 388 0.08 10.08 -15.78
C ARG A 388 -1.42 10.07 -15.93
N ALA A 389 -1.92 10.30 -17.12
CA ALA A 389 -3.35 10.36 -17.31
C ALA A 389 -3.69 9.92 -18.69
N VAL A 390 -4.92 9.51 -18.87
CA VAL A 390 -5.34 9.15 -20.18
C VAL A 390 -5.61 10.41 -20.93
N THR A 391 -5.01 10.54 -22.08
CA THR A 391 -5.21 11.71 -22.87
C THR A 391 -6.01 11.35 -24.08
N SER A 392 -6.39 12.35 -24.84
CA SER A 392 -7.15 12.17 -26.07
C SER A 392 -6.34 11.38 -27.08
N ALA A 393 -5.04 11.36 -26.89
CA ALA A 393 -4.12 10.65 -27.73
C ALA A 393 -4.00 9.19 -27.34
N ASN A 394 -4.64 8.77 -26.25
CA ASN A 394 -4.57 7.40 -25.74
C ASN A 394 -5.90 6.65 -25.87
N ILE A 395 -6.93 7.31 -26.27
CA ILE A 395 -8.24 6.71 -26.23
C ILE A 395 -8.40 5.46 -27.06
N GLN A 396 -7.84 5.48 -28.22
CA GLN A 396 -7.96 4.37 -29.13
C GLN A 396 -7.30 3.13 -28.57
N GLU A 397 -6.46 3.27 -27.56
CA GLU A 397 -5.74 2.15 -27.03
C GLU A 397 -6.65 1.28 -26.20
N PHE A 398 -7.82 1.78 -25.87
CA PHE A 398 -8.74 1.05 -25.07
C PHE A 398 -9.87 0.51 -25.91
N ALA A 399 -9.78 0.69 -27.22
CA ALA A 399 -10.88 0.26 -28.04
C ALA A 399 -11.04 -1.23 -27.97
N GLY A 400 -12.27 -1.67 -27.74
CA GLY A 400 -12.57 -3.10 -27.67
C GLY A 400 -12.21 -3.81 -26.35
N CYS A 401 -11.79 -3.06 -25.30
CA CYS A 401 -11.35 -3.62 -24.03
C CYS A 401 -12.48 -3.89 -23.05
N LYS A 402 -12.36 -5.02 -22.37
CA LYS A 402 -13.27 -5.37 -21.29
C LYS A 402 -12.51 -5.32 -20.01
N LYS A 403 -11.23 -5.58 -20.10
CA LYS A 403 -10.37 -5.59 -18.95
C LYS A 403 -9.12 -4.85 -19.30
N ILE A 404 -8.74 -3.93 -18.46
CA ILE A 404 -7.53 -3.15 -18.67
C ILE A 404 -6.53 -3.44 -17.61
N PHE A 405 -5.35 -3.80 -18.05
CA PHE A 405 -4.27 -4.15 -17.18
C PHE A 405 -3.46 -2.94 -16.89
N GLY A 406 -3.79 -2.28 -15.80
CA GLY A 406 -3.17 -1.02 -15.43
C GLY A 406 -4.23 -0.05 -14.90
N SER A 407 -3.81 1.17 -14.64
CA SER A 407 -4.65 2.22 -14.06
C SER A 407 -5.26 3.17 -15.09
N LEU A 408 -6.24 3.96 -14.69
CA LEU A 408 -6.78 4.98 -15.58
C LEU A 408 -6.89 6.26 -14.80
N ALA A 409 -6.67 7.38 -15.43
CA ALA A 409 -6.85 8.62 -14.73
C ALA A 409 -7.31 9.70 -15.66
N PHE A 410 -8.19 10.51 -15.13
CA PHE A 410 -8.81 11.60 -15.84
C PHE A 410 -8.60 12.85 -15.05
N LEU A 411 -7.50 13.49 -15.36
CA LEU A 411 -7.01 14.61 -14.61
C LEU A 411 -7.15 15.82 -15.52
N PRO A 412 -7.07 17.06 -15.05
CA PRO A 412 -7.22 18.24 -15.86
C PRO A 412 -6.40 18.17 -17.12
N GLU A 413 -5.24 17.57 -17.04
CA GLU A 413 -4.40 17.45 -18.21
C GLU A 413 -5.12 16.70 -19.31
N SER A 414 -5.92 15.71 -18.94
CA SER A 414 -6.64 14.91 -19.91
C SER A 414 -7.60 15.83 -20.63
N PHE A 415 -8.18 16.74 -19.87
CA PHE A 415 -9.17 17.61 -20.44
C PHE A 415 -8.65 18.96 -20.86
N ASP A 416 -7.38 19.24 -20.62
CA ASP A 416 -6.80 20.46 -21.11
C ASP A 416 -6.13 20.21 -22.44
N GLY A 417 -5.58 19.01 -22.62
CA GLY A 417 -4.83 18.69 -23.82
C GLY A 417 -3.37 18.97 -23.58
N ASP A 418 -2.61 19.16 -24.62
CA ASP A 418 -1.17 19.33 -24.46
C ASP A 418 -0.55 20.25 -25.47
N PRO A 419 -0.40 21.53 -25.17
CA PRO A 419 0.13 22.57 -26.05
C PRO A 419 1.54 22.25 -26.53
N ALA A 420 2.25 21.36 -25.85
CA ALA A 420 3.60 21.03 -26.26
C ALA A 420 3.60 20.15 -27.48
N SER A 421 2.47 19.51 -27.74
CA SER A 421 2.30 18.58 -28.81
C SER A 421 1.03 18.94 -29.52
N ASN A 422 0.36 19.91 -28.92
CA ASN A 422 -0.94 20.41 -29.32
C ASN A 422 -1.99 19.31 -29.31
N THR A 423 -1.93 18.48 -28.28
CA THR A 423 -2.90 17.43 -28.13
C THR A 423 -4.21 18.09 -27.76
N ALA A 424 -5.29 17.66 -28.40
CA ALA A 424 -6.59 18.20 -28.10
C ALA A 424 -7.00 17.77 -26.71
N PRO A 425 -7.81 18.56 -26.00
CA PRO A 425 -8.40 18.19 -24.74
C PRO A 425 -9.32 17.03 -25.00
N LEU A 426 -9.43 16.14 -24.04
CA LEU A 426 -10.29 14.99 -24.14
C LEU A 426 -11.75 15.37 -24.15
N GLN A 427 -12.47 14.84 -25.13
CA GLN A 427 -13.87 15.14 -25.28
C GLN A 427 -14.67 14.03 -24.62
N PRO A 428 -15.87 14.29 -24.09
CA PRO A 428 -16.68 13.30 -23.42
C PRO A 428 -17.06 12.10 -24.28
N GLU A 429 -17.14 12.27 -25.60
CA GLU A 429 -17.49 11.14 -26.42
C GLU A 429 -16.35 10.18 -26.54
N GLN A 430 -15.17 10.61 -26.18
CA GLN A 430 -14.03 9.77 -26.34
C GLN A 430 -13.94 8.85 -25.16
N LEU A 431 -14.74 9.13 -24.13
CA LEU A 431 -14.71 8.33 -22.95
C LEU A 431 -15.56 7.12 -23.18
N GLN A 432 -16.28 7.11 -24.30
CA GLN A 432 -17.20 6.05 -24.61
C GLN A 432 -16.42 4.79 -24.89
N VAL A 433 -15.13 4.94 -25.12
CA VAL A 433 -14.30 3.79 -25.37
C VAL A 433 -14.31 2.88 -24.15
N PHE A 434 -14.65 3.42 -22.97
CA PHE A 434 -14.65 2.64 -21.75
C PHE A 434 -16.00 2.06 -21.39
N GLU A 435 -17.01 2.23 -22.23
CA GLU A 435 -18.33 1.70 -21.90
C GLU A 435 -18.34 0.18 -21.83
N THR A 436 -17.42 -0.46 -22.52
CA THR A 436 -17.34 -1.90 -22.52
C THR A 436 -16.44 -2.43 -21.41
N LEU A 437 -15.87 -1.55 -20.62
CA LEU A 437 -14.96 -1.97 -19.59
C LEU A 437 -15.68 -2.56 -18.41
N GLU A 438 -15.29 -3.76 -18.03
CA GLU A 438 -15.82 -4.46 -16.88
C GLU A 438 -14.83 -4.49 -15.73
N GLU A 439 -13.54 -4.53 -16.04
CA GLU A 439 -12.53 -4.60 -14.98
C GLU A 439 -11.26 -3.79 -15.21
N ILE A 440 -10.82 -3.12 -14.16
CA ILE A 440 -9.57 -2.40 -14.20
C ILE A 440 -8.64 -3.10 -13.21
N THR A 441 -7.42 -3.41 -13.63
CA THR A 441 -6.55 -4.09 -12.69
C THR A 441 -5.84 -3.14 -11.77
N GLY A 442 -5.73 -1.88 -12.18
CA GLY A 442 -5.06 -0.86 -11.38
C GLY A 442 -6.10 -0.01 -10.67
N TYR A 443 -5.83 1.29 -10.64
CA TYR A 443 -6.69 2.22 -9.94
C TYR A 443 -7.34 3.20 -10.86
N LEU A 444 -8.45 3.76 -10.41
CA LEU A 444 -9.11 4.80 -11.16
C LEU A 444 -9.09 6.14 -10.43
N TYR A 445 -8.49 7.13 -11.07
CA TYR A 445 -8.41 8.45 -10.46
C TYR A 445 -8.97 9.56 -11.33
N ILE A 446 -10.01 10.19 -10.86
CA ILE A 446 -10.64 11.26 -11.60
C ILE A 446 -10.56 12.53 -10.78
N SER A 447 -9.99 13.57 -11.37
CA SER A 447 -9.86 14.83 -10.67
C SER A 447 -10.43 15.85 -11.59
N ALA A 448 -10.69 15.40 -12.79
CA ALA A 448 -11.31 16.23 -13.79
C ALA A 448 -12.25 15.40 -14.60
N TRP A 449 -13.31 16.00 -15.05
CA TRP A 449 -14.28 15.28 -15.81
C TRP A 449 -15.05 16.31 -16.59
N PRO A 450 -15.56 16.02 -17.79
CA PRO A 450 -16.35 16.95 -18.54
C PRO A 450 -17.53 17.33 -17.69
N ASP A 451 -17.95 18.58 -17.73
CA ASP A 451 -19.06 19.02 -16.92
C ASP A 451 -20.38 18.78 -17.60
N SER A 452 -20.29 18.21 -18.78
CA SER A 452 -21.42 17.83 -19.58
C SER A 452 -21.94 16.49 -19.11
N LEU A 453 -21.15 15.81 -18.28
CA LEU A 453 -21.52 14.52 -17.79
C LEU A 453 -21.86 14.65 -16.30
N PRO A 454 -23.12 14.46 -15.88
CA PRO A 454 -23.60 14.62 -14.52
C PRO A 454 -23.15 13.49 -13.63
N ASP A 455 -22.61 12.46 -14.25
CA ASP A 455 -22.19 11.26 -13.58
C ASP A 455 -20.99 10.66 -14.30
N LEU A 456 -20.58 9.51 -13.82
CA LEU A 456 -19.45 8.77 -14.33
C LEU A 456 -19.95 7.53 -15.03
N SER A 457 -21.17 7.60 -15.57
CA SER A 457 -21.87 6.47 -16.17
C SER A 457 -21.17 5.84 -17.35
N VAL A 458 -20.19 6.50 -17.91
CA VAL A 458 -19.43 5.93 -18.99
C VAL A 458 -18.70 4.67 -18.47
N PHE A 459 -18.55 4.57 -17.15
CA PHE A 459 -17.96 3.45 -16.47
C PHE A 459 -19.04 2.70 -15.68
N GLN A 460 -20.30 2.83 -16.07
CA GLN A 460 -21.37 2.18 -15.32
C GLN A 460 -21.28 0.68 -15.40
N ASN A 461 -20.55 0.18 -16.40
CA ASN A 461 -20.40 -1.22 -16.63
C ASN A 461 -19.15 -1.78 -15.99
N LEU A 462 -18.46 -0.94 -15.22
CA LEU A 462 -17.28 -1.40 -14.55
C LEU A 462 -17.71 -2.13 -13.31
N GLN A 463 -17.32 -3.37 -13.20
CA GLN A 463 -17.71 -4.20 -12.10
C GLN A 463 -16.63 -4.29 -11.07
N VAL A 464 -15.40 -4.39 -11.54
CA VAL A 464 -14.31 -4.60 -10.64
C VAL A 464 -13.12 -3.69 -10.77
N ILE A 465 -12.72 -3.19 -9.63
CA ILE A 465 -11.49 -2.44 -9.51
C ILE A 465 -10.59 -3.29 -8.68
N ARG A 466 -9.45 -3.71 -9.19
CA ARG A 466 -8.59 -4.58 -8.41
C ARG A 466 -7.63 -3.86 -7.49
N GLY A 467 -7.16 -2.65 -7.88
CA GLY A 467 -6.24 -1.92 -7.02
C GLY A 467 -4.81 -2.44 -7.05
N ARG A 468 -4.40 -3.12 -8.13
CA ARG A 468 -3.04 -3.66 -8.18
C ARG A 468 -2.02 -2.55 -8.04
N ILE A 469 -2.34 -1.46 -8.66
CA ILE A 469 -1.56 -0.26 -8.67
C ILE A 469 -2.43 0.70 -7.95
N LEU A 470 -1.90 1.40 -6.97
CA LEU A 470 -2.70 2.36 -6.25
C LEU A 470 -2.21 3.77 -6.47
N HIS A 471 -3.12 4.73 -6.42
CA HIS A 471 -2.74 6.11 -6.60
C HIS A 471 -1.96 6.55 -5.42
N ASN A 472 -0.73 6.94 -5.72
CA ASN A 472 0.26 7.31 -4.75
C ASN A 472 0.46 6.15 -3.80
N GLY A 473 0.25 4.93 -4.29
CA GLY A 473 0.42 3.72 -3.55
C GLY A 473 -0.72 3.48 -2.56
N ALA A 474 -1.75 4.31 -2.56
CA ALA A 474 -2.81 4.17 -1.57
C ALA A 474 -4.21 3.92 -2.12
N TYR A 475 -4.62 4.68 -3.10
CA TYR A 475 -6.01 4.57 -3.50
C TYR A 475 -6.28 3.77 -4.74
N SER A 476 -7.31 2.95 -4.67
CA SER A 476 -7.72 2.20 -5.83
C SER A 476 -8.82 2.96 -6.55
N LEU A 477 -9.49 3.85 -5.82
CA LEU A 477 -10.49 4.71 -6.43
C LEU A 477 -10.55 6.09 -5.81
N THR A 478 -10.24 7.11 -6.58
CA THR A 478 -10.30 8.48 -6.07
C THR A 478 -11.05 9.41 -6.99
N LEU A 479 -11.97 10.16 -6.41
CA LEU A 479 -12.76 11.12 -7.15
C LEU A 479 -12.68 12.49 -6.53
N GLN A 480 -12.18 13.49 -7.25
CA GLN A 480 -12.14 14.76 -6.57
C GLN A 480 -12.47 16.00 -7.34
N GLY A 481 -13.10 16.93 -6.64
CA GLY A 481 -13.37 18.25 -7.19
C GLY A 481 -14.36 18.23 -8.34
N LEU A 482 -15.26 17.26 -8.37
CA LEU A 482 -16.16 17.13 -9.48
C LEU A 482 -17.54 17.73 -9.26
N GLY A 483 -18.14 18.11 -10.39
CA GLY A 483 -19.48 18.66 -10.45
C GLY A 483 -20.54 17.61 -10.73
N ILE A 484 -20.13 16.36 -10.73
CA ILE A 484 -21.06 15.29 -11.01
C ILE A 484 -22.07 15.25 -9.89
N SER A 485 -23.32 15.06 -10.25
CA SER A 485 -24.40 15.02 -9.28
C SER A 485 -24.53 13.65 -8.63
N TRP A 486 -24.14 12.60 -9.33
CA TRP A 486 -24.21 11.25 -8.80
C TRP A 486 -23.11 10.43 -9.44
N LEU A 487 -22.81 9.27 -8.89
CA LEU A 487 -21.78 8.46 -9.51
C LEU A 487 -22.31 7.64 -10.67
N GLY A 488 -23.41 6.93 -10.46
CA GLY A 488 -24.01 6.12 -11.53
C GLY A 488 -23.28 4.80 -11.80
N LEU A 489 -22.34 4.44 -10.94
CA LEU A 489 -21.55 3.25 -11.17
C LEU A 489 -22.22 2.01 -10.67
N ARG A 490 -23.32 1.73 -11.32
CA ARG A 490 -24.20 0.66 -10.93
C ARG A 490 -23.64 -0.73 -11.06
N SER A 491 -22.65 -0.95 -11.91
CA SER A 491 -22.14 -2.30 -11.97
C SER A 491 -21.06 -2.56 -10.94
N LEU A 492 -20.56 -1.53 -10.26
CA LEU A 492 -19.44 -1.81 -9.40
C LEU A 492 -19.87 -2.74 -8.30
N ARG A 493 -19.13 -3.82 -8.17
CA ARG A 493 -19.42 -4.80 -7.16
C ARG A 493 -18.24 -5.05 -6.25
N GLU A 494 -17.02 -4.91 -6.76
CA GLU A 494 -15.87 -5.16 -5.92
C GLU A 494 -14.77 -4.15 -6.12
N LEU A 495 -14.16 -3.77 -5.01
CA LEU A 495 -12.98 -2.96 -4.94
C LEU A 495 -11.99 -3.93 -4.29
N GLY A 496 -11.25 -4.65 -5.11
CA GLY A 496 -10.41 -5.75 -4.69
C GLY A 496 -9.40 -5.39 -3.65
N SER A 497 -8.88 -4.18 -3.73
CA SER A 497 -7.89 -3.72 -2.78
C SER A 497 -7.85 -2.23 -2.85
N GLY A 498 -7.17 -1.65 -1.88
CA GLY A 498 -6.92 -0.24 -1.91
C GLY A 498 -8.00 0.55 -1.26
N LEU A 499 -7.70 1.80 -1.06
CA LEU A 499 -8.60 2.73 -0.45
C LEU A 499 -9.44 3.44 -1.45
N ALA A 500 -10.58 3.94 -0.99
CA ALA A 500 -11.38 4.78 -1.86
C ALA A 500 -11.52 6.13 -1.21
N LEU A 501 -11.45 7.18 -2.00
CA LEU A 501 -11.61 8.53 -1.48
C LEU A 501 -12.43 9.46 -2.35
N ILE A 502 -13.46 10.02 -1.76
CA ILE A 502 -14.30 10.96 -2.45
C ILE A 502 -14.16 12.34 -1.81
N HIS A 503 -13.63 13.31 -2.53
CA HIS A 503 -13.47 14.61 -1.88
C HIS A 503 -13.66 15.83 -2.75
N HIS A 504 -14.21 16.86 -2.16
CA HIS A 504 -14.46 18.17 -2.80
C HIS A 504 -15.43 18.05 -3.97
N ASN A 505 -16.19 17.00 -4.02
CA ASN A 505 -17.11 16.82 -5.10
C ASN A 505 -18.32 17.60 -4.72
N THR A 506 -18.24 18.86 -5.09
CA THR A 506 -19.13 19.92 -4.72
C THR A 506 -20.55 19.60 -5.00
N HIS A 507 -20.82 18.98 -6.12
CA HIS A 507 -22.22 18.73 -6.41
C HIS A 507 -22.65 17.29 -6.28
N LEU A 508 -21.81 16.43 -5.70
CA LEU A 508 -22.11 15.01 -5.65
C LEU A 508 -22.89 14.45 -4.45
N CYS A 509 -24.02 13.80 -4.76
CA CYS A 509 -24.96 13.11 -3.88
C CYS A 509 -24.83 11.61 -4.02
N PHE A 510 -25.62 10.90 -3.24
CA PHE A 510 -25.63 9.45 -3.27
C PHE A 510 -24.28 8.90 -2.86
N VAL A 511 -23.73 9.46 -1.78
CA VAL A 511 -22.46 9.00 -1.25
C VAL A 511 -22.74 8.01 -0.15
N HIS A 512 -23.72 8.31 0.67
CA HIS A 512 -24.07 7.44 1.78
C HIS A 512 -25.26 6.56 1.49
N THR A 513 -25.63 6.50 0.22
CA THR A 513 -26.74 5.68 -0.25
C THR A 513 -26.25 4.40 -0.85
N VAL A 514 -24.96 4.22 -0.78
CA VAL A 514 -24.29 3.05 -1.31
C VAL A 514 -23.78 2.24 -0.14
N PRO A 515 -24.04 0.94 -0.07
CA PRO A 515 -23.59 0.06 0.99
C PRO A 515 -22.16 -0.22 0.66
N TRP A 516 -21.35 0.79 0.83
CA TRP A 516 -19.99 0.77 0.39
C TRP A 516 -19.24 -0.38 0.92
N ASP A 517 -19.50 -0.79 2.13
CA ASP A 517 -18.76 -1.87 2.70
C ASP A 517 -18.92 -3.19 1.95
N GLN A 518 -19.97 -3.32 1.16
CA GLN A 518 -20.24 -4.55 0.47
C GLN A 518 -19.29 -4.79 -0.68
N LEU A 519 -18.61 -3.75 -1.11
CA LEU A 519 -17.68 -3.91 -2.21
C LEU A 519 -16.23 -3.91 -1.71
N PHE A 520 -16.02 -3.84 -0.40
CA PHE A 520 -14.66 -3.85 0.12
C PHE A 520 -14.32 -5.28 0.47
N ARG A 521 -13.13 -5.71 0.12
CA ARG A 521 -12.77 -7.09 0.32
C ARG A 521 -11.63 -7.29 1.29
N ASN A 522 -11.45 -6.34 2.18
CA ASN A 522 -10.37 -6.46 3.14
C ASN A 522 -10.58 -5.49 4.31
N PRO A 523 -10.32 -5.89 5.56
CA PRO A 523 -10.41 -5.05 6.75
C PRO A 523 -9.44 -3.88 6.75
N HIS A 524 -8.45 -3.91 5.86
CA HIS A 524 -7.46 -2.86 5.79
C HIS A 524 -7.79 -1.83 4.71
N GLN A 525 -9.03 -1.86 4.18
CA GLN A 525 -9.45 -0.86 3.21
C GLN A 525 -10.81 -0.27 3.61
N ALA A 526 -11.03 1.00 3.28
CA ALA A 526 -12.25 1.71 3.63
C ALA A 526 -12.50 2.90 2.72
N LEU A 527 -13.74 3.38 2.72
CA LEU A 527 -14.07 4.62 2.02
C LEU A 527 -13.93 5.82 2.90
N LEU A 528 -13.15 6.75 2.42
CA LEU A 528 -12.91 7.98 3.10
C LEU A 528 -13.61 9.06 2.29
N HIS A 529 -14.11 10.08 2.94
CA HIS A 529 -14.72 11.13 2.17
C HIS A 529 -14.74 12.46 2.92
N THR A 530 -14.68 13.54 2.16
CA THR A 530 -14.81 14.87 2.75
C THR A 530 -15.15 15.99 1.81
N ALA A 531 -15.78 17.01 2.35
CA ALA A 531 -16.06 18.25 1.65
C ALA A 531 -16.81 18.07 0.36
N ASN A 532 -17.67 17.09 0.30
CA ASN A 532 -18.44 16.85 -0.90
C ASN A 532 -19.75 17.52 -0.66
N ARG A 533 -20.62 17.48 -1.64
CA ARG A 533 -21.92 18.05 -1.39
C ARG A 533 -22.49 17.37 -0.16
N PRO A 534 -22.92 18.11 0.86
CA PRO A 534 -23.50 17.56 2.06
C PRO A 534 -24.71 16.74 1.74
N GLU A 535 -24.89 15.62 2.43
CA GLU A 535 -26.09 14.83 2.21
C GLU A 535 -27.28 15.67 2.62
N ASP A 536 -27.11 16.53 3.62
CA ASP A 536 -28.23 17.34 4.07
C ASP A 536 -28.84 18.13 2.92
N GLU A 537 -27.98 18.60 2.00
CA GLU A 537 -28.48 19.36 0.86
C GLU A 537 -29.19 18.44 -0.14
N CYS A 538 -28.64 17.21 -0.35
CA CYS A 538 -29.11 16.18 -1.26
C CYS A 538 -30.49 15.73 -0.78
N VAL A 539 -30.62 15.65 0.53
CA VAL A 539 -31.86 15.26 1.14
C VAL A 539 -32.88 16.36 0.95
N GLY A 540 -32.49 17.61 1.21
CA GLY A 540 -33.39 18.72 1.06
C GLY A 540 -33.98 18.80 -0.35
N GLU A 541 -33.18 18.42 -1.35
CA GLU A 541 -33.65 18.43 -2.74
C GLU A 541 -34.37 17.16 -3.18
N GLY A 542 -34.49 16.18 -2.29
CA GLY A 542 -35.15 14.94 -2.63
C GLY A 542 -34.31 13.98 -3.44
N LEU A 543 -32.99 14.07 -3.35
CA LEU A 543 -32.13 13.19 -4.12
C LEU A 543 -31.91 11.93 -3.34
N ALA A 544 -33.01 11.22 -3.23
CA ALA A 544 -33.21 10.00 -2.51
C ALA A 544 -33.25 8.85 -3.48
N CYS A 545 -33.04 7.63 -2.99
CA CYS A 545 -33.12 6.40 -3.78
C CYS A 545 -34.55 5.98 -3.98
N HIS A 546 -34.75 5.35 -5.10
CA HIS A 546 -36.03 4.85 -5.52
C HIS A 546 -36.55 3.86 -4.49
N GLN A 547 -37.86 3.89 -4.30
CA GLN A 547 -38.51 3.05 -3.32
C GLN A 547 -38.38 1.57 -3.61
N LEU A 548 -38.05 1.20 -4.84
CA LEU A 548 -37.87 -0.22 -5.14
C LEU A 548 -36.42 -0.74 -5.01
N CYS A 549 -35.47 0.11 -4.52
CA CYS A 549 -34.07 -0.25 -4.32
C CYS A 549 -33.90 -1.13 -3.09
N ALA A 550 -33.07 -2.14 -3.21
CA ALA A 550 -32.78 -2.93 -2.05
C ALA A 550 -32.15 -2.01 -1.04
N ARG A 551 -32.61 -2.08 0.20
CA ARG A 551 -32.14 -1.27 1.31
C ARG A 551 -32.30 0.22 1.11
N GLY A 552 -32.96 0.63 0.04
CA GLY A 552 -33.07 2.03 -0.25
C GLY A 552 -31.71 2.52 -0.74
N HIS A 553 -30.90 1.61 -1.27
CA HIS A 553 -29.57 1.96 -1.72
C HIS A 553 -29.41 2.02 -3.23
N CYS A 554 -28.70 3.08 -3.69
CA CYS A 554 -28.47 3.40 -5.11
C CYS A 554 -27.21 4.22 -5.36
N TRP A 555 -26.89 4.28 -6.64
CA TRP A 555 -25.79 5.04 -7.20
C TRP A 555 -26.18 6.38 -7.78
N GLY A 556 -27.47 6.67 -7.76
CA GLY A 556 -27.99 7.87 -8.38
C GLY A 556 -29.50 7.82 -8.39
N PRO A 557 -30.16 8.83 -8.91
CA PRO A 557 -31.59 8.93 -8.99
C PRO A 557 -32.17 7.90 -9.96
N GLY A 558 -33.39 7.43 -9.68
CA GLY A 558 -34.14 6.57 -10.59
C GLY A 558 -34.08 5.06 -10.29
N PRO A 559 -35.01 4.29 -10.88
CA PRO A 559 -35.23 2.85 -10.72
C PRO A 559 -34.15 2.03 -11.35
N THR A 560 -33.28 2.68 -12.11
CA THR A 560 -32.21 2.02 -12.80
C THR A 560 -30.87 2.18 -12.09
N GLN A 561 -30.84 2.99 -11.04
CA GLN A 561 -29.58 3.20 -10.33
C GLN A 561 -29.40 2.43 -9.02
N CYS A 562 -30.33 1.53 -8.67
CA CYS A 562 -30.38 0.75 -7.43
C CYS A 562 -29.22 -0.22 -7.38
N VAL A 563 -28.69 -0.44 -6.18
CA VAL A 563 -27.55 -1.36 -6.05
C VAL A 563 -28.00 -2.79 -6.36
N ASN A 564 -29.23 -3.07 -6.00
CA ASN A 564 -29.91 -4.31 -6.28
C ASN A 564 -31.38 -3.93 -6.19
N CYS A 565 -32.27 -4.71 -6.77
CA CYS A 565 -33.71 -4.49 -6.75
C CYS A 565 -34.38 -5.45 -5.80
N SER A 566 -35.45 -4.97 -5.19
CA SER A 566 -36.30 -5.82 -4.40
C SER A 566 -37.28 -6.52 -5.32
N GLN A 567 -37.30 -6.04 -6.55
CA GLN A 567 -38.20 -6.44 -7.60
C GLN A 567 -37.57 -7.12 -8.78
N PHE A 568 -38.45 -7.52 -9.68
CA PHE A 568 -38.15 -8.07 -10.98
C PHE A 568 -37.51 -6.99 -11.80
N LEU A 569 -36.55 -7.34 -12.67
CA LEU A 569 -36.01 -6.27 -13.47
C LEU A 569 -36.33 -6.34 -14.93
N ARG A 570 -36.50 -5.14 -15.46
CA ARG A 570 -36.68 -4.90 -16.87
C ARG A 570 -35.52 -4.06 -17.35
N GLY A 571 -34.55 -4.70 -17.95
CA GLY A 571 -33.33 -3.98 -18.25
C GLY A 571 -32.74 -3.60 -16.91
N GLN A 572 -32.47 -2.33 -16.71
CA GLN A 572 -31.88 -1.92 -15.45
C GLN A 572 -32.94 -1.54 -14.43
N GLU A 573 -34.18 -1.47 -14.85
CA GLU A 573 -35.28 -1.00 -14.03
C GLU A 573 -35.80 -1.97 -12.98
N CYS A 574 -35.99 -1.49 -11.72
CA CYS A 574 -36.67 -2.24 -10.67
C CYS A 574 -38.15 -1.96 -10.94
N VAL A 575 -38.93 -2.99 -11.23
CA VAL A 575 -40.32 -2.74 -11.58
C VAL A 575 -41.33 -3.45 -10.68
N GLU A 576 -42.37 -2.69 -10.26
CA GLU A 576 -43.50 -3.12 -9.46
C GLU A 576 -44.60 -2.08 -9.73
#